data_1KP3
#
_entry.id   1KP3
#
_cell.length_a   76.478
_cell.length_b   104.222
_cell.length_c   128.835
_cell.angle_alpha   90.00
_cell.angle_beta   90.00
_cell.angle_gamma   90.00
#
_symmetry.space_group_name_H-M   'I 2 2 2'
#
loop_
_entity.id
_entity.type
_entity.pdbx_description
1 polymer 'argininosuccinate synthetase'
2 non-polymer 'PHOSPHATE ION'
3 non-polymer "ADENOSINE-5'-TRIPHOSPHATE"
4 non-polymer CITRULLINE
5 non-polymer GUANIDINE
6 water water
#
_entity_poly.entity_id   1
_entity_poly.type   'polypeptide(L)'
_entity_poly.pdbx_seq_one_letter_code
;TTILKHLPVGQRIGIAFSGGLDTSAALLWMRQKGAVPYAYTANLGQPDEEDYDAIPRRAMEYGAENARLIDCRKQLVAEG
IAAIQCGAFHNTTGGLTYFNTTPLGRAVTGTMLVAAMKEDGVNIWGDGSTYKGNDIERFYRYGLLTNAELQIYKPWLDTD
FIDELGGRHEMSEFMIACGFDYKMSVEKAYSTDSNMLGATHEAKDLEYLNSSVKIVNPIMGVKFWDESVKIPAEEVTVRF
EQGHPVALNGKTFSDDVEMMLEANRIGGRHGLGMSDQIENRIIEAKSRGIYEAPGMALLHIAYERLLTGIHNEDTIEQYH
AHGRQLGRLLYQGRWFDSQALMLRDSLQRWVASQITGEVTLELRRGNDYSILNTVSENLTYKPERLTMEKGDSVFSPDDR
IGQLTMRNLDITDTREKLFGYAKTGLLSSSAASGVPQVENLENKGQSVEHHHHHH
;
_entity_poly.pdbx_strand_id   A
#
loop_
_chem_comp.id
_chem_comp.type
_chem_comp.name
_chem_comp.formula
ATP non-polymer ADENOSINE-5'-TRIPHOSPHATE 'C10 H16 N5 O13 P3'
GAI non-polymer GUANIDINE 'C H5 N3'
PO4 non-polymer 'PHOSPHATE ION' 'O4 P -3'
#
# COMPACT_ATOMS: atom_id res chain seq x y z
N THR A 1 23.94 22.67 5.31
CA THR A 1 22.64 22.21 4.73
C THR A 1 22.29 20.82 5.25
N THR A 2 21.04 20.42 5.02
CA THR A 2 20.53 19.13 5.45
C THR A 2 21.12 17.93 4.70
N ILE A 3 21.20 18.01 3.36
CA ILE A 3 21.74 16.91 2.57
C ILE A 3 23.25 17.04 2.29
N LEU A 4 24.03 16.09 2.78
CA LEU A 4 25.48 16.09 2.56
C LEU A 4 25.77 15.39 1.24
N LYS A 5 26.26 16.16 0.28
CA LYS A 5 26.57 15.63 -1.04
C LYS A 5 27.70 14.60 -1.03
N HIS A 6 28.55 14.64 -0.02
CA HIS A 6 29.67 13.69 0.05
C HIS A 6 29.87 13.13 1.44
N LEU A 7 30.51 11.96 1.49
CA LEU A 7 30.73 11.26 2.74
C LEU A 7 31.33 12.12 3.84
N PRO A 8 30.62 12.26 4.96
CA PRO A 8 31.13 13.06 6.07
C PRO A 8 32.16 12.25 6.83
N VAL A 9 33.37 12.19 6.29
CA VAL A 9 34.46 11.43 6.91
C VAL A 9 34.55 11.73 8.40
N GLY A 10 34.75 10.68 9.19
CA GLY A 10 34.88 10.83 10.62
C GLY A 10 33.61 10.97 11.42
N GLN A 11 32.47 11.10 10.76
CA GLN A 11 31.22 11.26 11.49
C GLN A 11 30.35 10.03 11.58
N ARG A 12 29.57 9.97 12.66
CA ARG A 12 28.67 8.85 12.89
C ARG A 12 27.55 8.98 11.87
N ILE A 13 27.24 7.89 11.19
CA ILE A 13 26.19 7.92 10.19
C ILE A 13 25.27 6.75 10.39
N GLY A 14 23.99 7.02 10.54
CA GLY A 14 23.04 5.93 10.69
C GLY A 14 22.51 5.54 9.31
N ILE A 15 22.24 4.26 9.11
CA ILE A 15 21.70 3.82 7.84
C ILE A 15 20.68 2.71 8.00
N ALA A 16 19.56 2.87 7.30
CA ALA A 16 18.49 1.89 7.31
C ALA A 16 19.11 0.71 6.59
N PHE A 17 19.44 -0.34 7.34
CA PHE A 17 20.13 -1.50 6.80
C PHE A 17 19.23 -2.71 6.57
N SER A 18 19.05 -3.09 5.32
CA SER A 18 18.18 -4.24 5.00
C SER A 18 18.96 -5.53 4.84
N GLY A 19 20.27 -5.44 4.66
CA GLY A 19 21.05 -6.65 4.48
C GLY A 19 21.27 -7.00 3.02
N GLY A 20 20.60 -6.29 2.13
CA GLY A 20 20.77 -6.53 0.70
C GLY A 20 22.16 -6.11 0.26
N LEU A 21 22.49 -6.28 -1.02
CA LEU A 21 23.82 -5.91 -1.51
C LEU A 21 24.05 -4.41 -1.48
N ASP A 22 23.02 -3.63 -1.78
CA ASP A 22 23.15 -2.18 -1.77
C ASP A 22 23.63 -1.66 -0.41
N THR A 23 22.90 -1.94 0.66
CA THR A 23 23.30 -1.43 1.96
C THR A 23 24.51 -2.14 2.58
N SER A 24 24.75 -3.39 2.17
CA SER A 24 25.89 -4.13 2.70
C SER A 24 27.17 -3.45 2.20
N ALA A 25 27.21 -3.21 0.89
CA ALA A 25 28.34 -2.56 0.24
C ALA A 25 28.48 -1.12 0.69
N ALA A 26 27.36 -0.41 0.82
CA ALA A 26 27.41 0.98 1.21
C ALA A 26 27.99 1.16 2.61
N LEU A 27 27.60 0.27 3.52
CA LEU A 27 28.12 0.37 4.89
C LEU A 27 29.62 0.05 4.94
N LEU A 28 30.03 -0.99 4.21
CA LEU A 28 31.45 -1.37 4.17
C LEU A 28 32.26 -0.20 3.58
N TRP A 29 31.77 0.34 2.47
CA TRP A 29 32.39 1.48 1.77
C TRP A 29 32.43 2.71 2.68
N MET A 30 31.33 2.98 3.38
CA MET A 30 31.29 4.13 4.29
C MET A 30 32.35 4.00 5.37
N ARG A 31 32.48 2.80 5.92
CA ARG A 31 33.48 2.55 6.96
C ARG A 31 34.87 2.63 6.35
N GLN A 32 35.03 2.06 5.15
CA GLN A 32 36.30 2.03 4.45
C GLN A 32 36.81 3.43 4.13
N LYS A 33 35.90 4.34 3.79
CA LYS A 33 36.27 5.73 3.45
C LYS A 33 36.37 6.65 4.65
N GLY A 34 36.24 6.12 5.85
CA GLY A 34 36.40 6.97 7.03
C GLY A 34 35.23 7.40 7.88
N ALA A 35 34.01 7.02 7.51
CA ALA A 35 32.86 7.40 8.32
C ALA A 35 32.65 6.34 9.40
N VAL A 36 31.77 6.62 10.35
CA VAL A 36 31.46 5.67 11.42
C VAL A 36 29.98 5.28 11.27
N PRO A 37 29.69 4.28 10.44
CA PRO A 37 28.31 3.83 10.22
C PRO A 37 27.68 2.99 11.32
N TYR A 38 26.40 3.24 11.56
CA TYR A 38 25.59 2.52 12.53
C TYR A 38 24.45 1.93 11.71
N ALA A 39 24.19 0.64 11.89
CA ALA A 39 23.13 -0.01 11.14
C ALA A 39 21.85 -0.13 11.97
N TYR A 40 20.72 0.11 11.32
CA TYR A 40 19.42 -0.01 11.95
C TYR A 40 18.56 -0.81 11.00
N THR A 41 18.10 -1.97 11.46
CA THR A 41 17.28 -2.86 10.66
C THR A 41 15.89 -2.98 11.27
N ALA A 42 14.87 -2.98 10.41
CA ALA A 42 13.51 -3.07 10.90
C ALA A 42 12.93 -4.45 10.66
N ASN A 43 12.28 -5.01 11.69
CA ASN A 43 11.63 -6.30 11.52
C ASN A 43 10.24 -5.90 10.99
N LEU A 44 9.97 -6.23 9.74
CA LEU A 44 8.70 -5.88 9.13
C LEU A 44 7.86 -7.11 8.78
N GLY A 45 8.28 -8.27 9.30
CA GLY A 45 7.56 -9.52 9.04
C GLY A 45 7.65 -9.92 7.59
N GLN A 46 8.79 -9.63 6.98
CA GLN A 46 9.00 -9.95 5.58
C GLN A 46 8.71 -11.44 5.39
N PRO A 47 7.81 -11.77 4.43
CA PRO A 47 7.41 -13.16 4.12
C PRO A 47 8.57 -14.13 3.90
N ASP A 48 9.47 -13.77 2.99
CA ASP A 48 10.60 -14.63 2.68
C ASP A 48 11.83 -14.43 3.55
N GLU A 49 11.73 -13.54 4.55
CA GLU A 49 12.90 -13.27 5.39
C GLU A 49 13.37 -14.45 6.23
N GLU A 50 14.55 -14.91 5.87
CA GLU A 50 15.25 -16.03 6.52
C GLU A 50 15.34 -15.85 8.05
N ASP A 51 16.29 -15.03 8.50
CA ASP A 51 16.47 -14.79 9.93
C ASP A 51 16.93 -13.35 10.16
N TYR A 52 16.01 -12.54 10.69
CA TYR A 52 16.31 -11.15 10.95
C TYR A 52 17.51 -10.95 11.87
N ASP A 53 17.68 -11.85 12.83
CA ASP A 53 18.80 -11.75 13.78
C ASP A 53 20.15 -11.71 13.10
N ALA A 54 20.24 -12.33 11.93
CA ALA A 54 21.50 -12.37 11.20
C ALA A 54 21.87 -11.05 10.53
N ILE A 55 20.88 -10.26 10.15
CA ILE A 55 21.15 -9.00 9.47
C ILE A 55 22.03 -8.06 10.28
N PRO A 56 21.73 -7.88 11.58
CA PRO A 56 22.60 -6.99 12.35
C PRO A 56 24.03 -7.56 12.43
N ARG A 57 24.15 -8.88 12.45
CA ARG A 57 25.46 -9.53 12.51
C ARG A 57 26.31 -9.23 11.28
N ARG A 58 25.71 -9.30 10.10
CA ARG A 58 26.46 -9.01 8.89
C ARG A 58 26.86 -7.55 8.87
N ALA A 59 25.98 -6.69 9.39
CA ALA A 59 26.30 -5.26 9.45
C ALA A 59 27.58 -5.08 10.27
N MET A 60 27.63 -5.76 11.42
CA MET A 60 28.80 -5.69 12.30
C MET A 60 30.04 -6.21 11.57
N GLU A 61 29.86 -7.32 10.88
CA GLU A 61 30.95 -7.93 10.14
C GLU A 61 31.49 -7.01 9.04
N TYR A 62 30.59 -6.21 8.46
CA TYR A 62 31.00 -5.29 7.40
C TYR A 62 31.52 -3.96 7.90
N GLY A 63 31.52 -3.74 9.20
CA GLY A 63 32.05 -2.50 9.73
C GLY A 63 31.17 -1.59 10.57
N ALA A 64 29.91 -1.97 10.79
CA ALA A 64 29.04 -1.11 11.60
C ALA A 64 29.63 -0.92 12.99
N GLU A 65 29.52 0.32 13.50
CA GLU A 65 30.01 0.64 14.83
C GLU A 65 29.09 -0.11 15.78
N ASN A 66 27.80 -0.03 15.49
CA ASN A 66 26.80 -0.71 16.28
C ASN A 66 25.69 -1.10 15.31
N ALA A 67 24.95 -2.15 15.64
CA ALA A 67 23.85 -2.61 14.77
C ALA A 67 22.64 -3.03 15.58
N ARG A 68 21.50 -2.41 15.31
CA ARG A 68 20.28 -2.73 16.02
C ARG A 68 19.17 -3.29 15.14
N LEU A 69 18.34 -4.15 15.73
CA LEU A 69 17.18 -4.74 15.06
C LEU A 69 15.96 -4.21 15.79
N ILE A 70 15.15 -3.40 15.10
CA ILE A 70 13.95 -2.83 15.70
C ILE A 70 12.70 -3.57 15.19
N ASP A 71 11.87 -4.07 16.12
CA ASP A 71 10.64 -4.76 15.72
C ASP A 71 9.58 -3.72 15.36
N CYS A 72 9.14 -3.72 14.11
CA CYS A 72 8.15 -2.75 13.65
C CYS A 72 6.84 -3.40 13.25
N ARG A 73 6.68 -4.68 13.55
CA ARG A 73 5.46 -5.38 13.16
C ARG A 73 4.16 -4.90 13.76
N LYS A 74 4.13 -4.66 15.06
CA LYS A 74 2.91 -4.19 15.71
C LYS A 74 2.44 -2.88 15.07
N GLN A 75 3.36 -1.95 14.89
CA GLN A 75 3.04 -0.65 14.31
C GLN A 75 2.63 -0.78 12.85
N LEU A 76 3.33 -1.62 12.09
CA LEU A 76 3.01 -1.83 10.68
C LEU A 76 1.58 -2.34 10.52
N VAL A 77 1.23 -3.35 11.32
CA VAL A 77 -0.10 -3.93 11.24
C VAL A 77 -1.18 -2.94 11.68
N ALA A 78 -0.90 -2.17 12.72
CA ALA A 78 -1.85 -1.18 13.20
C ALA A 78 -2.14 -0.14 12.08
N GLU A 79 -1.11 0.28 11.34
CA GLU A 79 -1.32 1.26 10.26
C GLU A 79 -2.03 0.59 9.09
N GLY A 80 -1.74 -0.68 8.87
CA GLY A 80 -2.39 -1.43 7.81
C GLY A 80 -3.88 -1.54 8.08
N ILE A 81 -4.22 -1.75 9.36
CA ILE A 81 -5.60 -1.86 9.77
C ILE A 81 -6.26 -0.50 9.58
N ALA A 82 -5.56 0.57 9.94
CA ALA A 82 -6.10 1.91 9.76
C ALA A 82 -6.39 2.12 8.27
N ALA A 83 -5.46 1.69 7.41
CA ALA A 83 -5.63 1.85 5.96
C ALA A 83 -6.90 1.15 5.49
N ILE A 84 -7.11 -0.08 5.96
CA ILE A 84 -8.31 -0.86 5.63
C ILE A 84 -9.57 -0.11 6.10
N GLN A 85 -9.54 0.41 7.33
CA GLN A 85 -10.69 1.12 7.87
C GLN A 85 -11.04 2.38 7.09
N CYS A 86 -10.05 2.96 6.43
CA CYS A 86 -10.22 4.19 5.67
C CYS A 86 -10.27 4.00 4.16
N GLY A 87 -10.11 2.77 3.69
CA GLY A 87 -10.09 2.52 2.26
C GLY A 87 -9.00 3.39 1.65
N ALA A 88 -7.87 3.53 2.34
CA ALA A 88 -6.77 4.38 1.87
C ALA A 88 -5.96 3.78 0.74
N PHE A 89 -6.63 3.47 -0.36
CA PHE A 89 -5.95 2.86 -1.50
C PHE A 89 -6.37 3.68 -2.73
N HIS A 90 -5.44 4.03 -3.61
CA HIS A 90 -5.85 4.86 -4.75
C HIS A 90 -5.51 4.32 -6.16
N ASN A 91 -4.52 3.43 -6.25
CA ASN A 91 -4.13 2.87 -7.54
C ASN A 91 -4.96 1.64 -7.87
N THR A 92 -6.01 1.84 -8.67
CA THR A 92 -6.90 0.76 -9.04
C THR A 92 -7.09 0.64 -10.55
N THR A 93 -7.29 -0.59 -11.01
CA THR A 93 -7.50 -0.84 -12.43
C THR A 93 -8.63 -1.86 -12.48
N GLY A 94 -9.78 -1.44 -13.00
CA GLY A 94 -10.91 -2.34 -13.08
C GLY A 94 -11.30 -2.94 -11.74
N GLY A 95 -11.19 -2.17 -10.66
CA GLY A 95 -11.58 -2.73 -9.38
C GLY A 95 -10.47 -3.41 -8.59
N LEU A 96 -9.37 -3.78 -9.23
CA LEU A 96 -8.26 -4.39 -8.50
C LEU A 96 -7.41 -3.23 -7.97
N THR A 97 -7.04 -3.31 -6.70
CA THR A 97 -6.31 -2.25 -6.03
C THR A 97 -4.95 -2.62 -5.49
N TYR A 98 -4.08 -1.62 -5.40
CA TYR A 98 -2.77 -1.77 -4.81
C TYR A 98 -3.04 -1.34 -3.37
N PHE A 99 -2.70 -2.18 -2.41
CA PHE A 99 -2.98 -1.82 -1.02
C PHE A 99 -1.98 -0.93 -0.29
N ASN A 100 -1.19 -0.17 -1.05
CA ASN A 100 -0.23 0.75 -0.48
C ASN A 100 0.66 0.15 0.59
N THR A 101 1.10 -1.08 0.38
CA THR A 101 1.93 -1.80 1.36
C THR A 101 3.35 -1.27 1.56
N THR A 102 4.02 -0.85 0.49
CA THR A 102 5.35 -0.29 0.67
C THR A 102 5.21 1.08 1.37
N PRO A 103 4.26 1.92 0.93
CA PRO A 103 4.08 3.22 1.58
C PRO A 103 3.83 3.04 3.11
N LEU A 104 3.05 2.04 3.48
CA LEU A 104 2.79 1.80 4.91
C LEU A 104 4.08 1.36 5.59
N GLY A 105 4.84 0.48 4.94
CA GLY A 105 6.12 0.06 5.48
C GLY A 105 7.07 1.22 5.70
N ARG A 106 7.16 2.15 4.74
CA ARG A 106 8.08 3.29 4.89
C ARG A 106 7.66 4.26 5.99
N ALA A 107 6.35 4.44 6.19
CA ALA A 107 5.87 5.36 7.21
C ALA A 107 6.30 4.87 8.61
N VAL A 108 6.24 3.56 8.82
CA VAL A 108 6.63 2.99 10.10
C VAL A 108 8.15 2.84 10.18
N THR A 109 8.78 2.41 9.09
CA THR A 109 10.23 2.25 9.11
C THR A 109 10.97 3.58 9.25
N GLY A 110 10.59 4.56 8.42
CA GLY A 110 11.22 5.86 8.43
C GLY A 110 11.12 6.66 9.73
N THR A 111 10.11 6.40 10.53
CA THR A 111 9.96 7.10 11.80
C THR A 111 10.60 6.28 12.94
N MET A 112 10.24 5.02 13.05
CA MET A 112 10.80 4.20 14.13
C MET A 112 12.33 4.06 14.10
N LEU A 113 12.93 3.85 12.93
CA LEU A 113 14.39 3.71 12.89
C LEU A 113 15.11 4.99 13.29
N VAL A 114 14.56 6.15 12.89
CA VAL A 114 15.17 7.41 13.23
C VAL A 114 14.97 7.66 14.72
N ALA A 115 13.86 7.20 15.27
CA ALA A 115 13.60 7.40 16.69
C ALA A 115 14.64 6.58 17.46
N ALA A 116 14.85 5.36 17.00
CA ALA A 116 15.82 4.46 17.64
C ALA A 116 17.22 5.06 17.63
N MET A 117 17.59 5.66 16.52
CA MET A 117 18.92 6.27 16.41
C MET A 117 19.15 7.39 17.43
N LYS A 118 18.07 7.99 17.92
CA LYS A 118 18.21 9.07 18.89
C LYS A 118 18.84 8.57 20.18
N GLU A 119 18.75 7.26 20.42
CA GLU A 119 19.34 6.68 21.63
C GLU A 119 20.85 6.52 21.45
N ASP A 120 21.29 6.46 20.20
CA ASP A 120 22.71 6.32 19.90
C ASP A 120 23.31 7.69 19.63
N GLY A 121 22.47 8.71 19.65
CA GLY A 121 22.95 10.05 19.41
C GLY A 121 23.54 10.30 18.03
N VAL A 122 23.16 9.51 17.05
CA VAL A 122 23.67 9.70 15.70
C VAL A 122 22.74 10.70 15.01
N ASN A 123 23.31 11.71 14.35
CA ASN A 123 22.51 12.74 13.68
C ASN A 123 22.65 12.88 12.17
N ILE A 124 23.17 11.84 11.52
CA ILE A 124 23.26 11.85 10.06
C ILE A 124 22.50 10.57 9.73
N TRP A 125 21.57 10.70 8.80
CA TRP A 125 20.72 9.57 8.45
C TRP A 125 20.62 9.34 6.96
N GLY A 126 20.45 8.08 6.60
CA GLY A 126 20.32 7.75 5.20
C GLY A 126 19.73 6.36 5.01
N ASP A 127 19.70 5.92 3.75
CA ASP A 127 19.17 4.62 3.38
C ASP A 127 19.74 4.31 2.02
N GLY A 128 19.42 3.15 1.47
CA GLY A 128 19.95 2.80 0.15
C GLY A 128 18.98 2.94 -1.01
N SER A 129 17.93 3.74 -0.87
CA SER A 129 16.95 3.96 -1.95
C SER A 129 17.61 4.68 -3.12
N THR A 130 17.22 4.33 -4.34
CA THR A 130 17.77 4.98 -5.52
C THR A 130 17.26 6.43 -5.59
N TYR A 131 18.03 7.30 -6.24
CA TYR A 131 17.65 8.71 -6.35
C TYR A 131 16.55 8.92 -7.39
N LYS A 132 16.18 7.86 -8.10
CA LYS A 132 15.15 7.97 -9.13
C LYS A 132 13.75 7.53 -8.70
N GLY A 133 13.59 7.09 -7.46
CA GLY A 133 12.28 6.60 -7.04
C GLY A 133 11.49 7.35 -5.99
N ASN A 134 10.43 6.71 -5.49
CA ASN A 134 9.56 7.27 -4.48
C ASN A 134 10.13 7.13 -3.08
N ASP A 135 10.69 5.96 -2.79
CA ASP A 135 11.21 5.69 -1.46
C ASP A 135 12.24 6.66 -0.90
N ILE A 136 13.17 7.14 -1.72
CA ILE A 136 14.15 8.08 -1.20
C ILE A 136 13.45 9.32 -0.62
N GLU A 137 12.30 9.68 -1.19
CA GLU A 137 11.56 10.82 -0.71
C GLU A 137 10.67 10.46 0.48
N ARG A 138 10.13 9.24 0.51
CA ARG A 138 9.31 8.84 1.65
C ARG A 138 10.20 8.83 2.89
N PHE A 139 11.36 8.18 2.81
CA PHE A 139 12.28 8.14 3.95
C PHE A 139 12.69 9.54 4.37
N TYR A 140 12.93 10.39 3.37
CA TYR A 140 13.34 11.77 3.62
C TYR A 140 12.33 12.51 4.49
N ARG A 141 11.06 12.50 4.07
CA ARG A 141 10.04 13.21 4.87
C ARG A 141 9.84 12.57 6.23
N TYR A 142 9.65 11.26 6.27
CA TYR A 142 9.42 10.60 7.55
C TYR A 142 10.57 10.83 8.54
N GLY A 143 11.80 10.80 8.04
CA GLY A 143 12.95 10.99 8.91
C GLY A 143 13.03 12.39 9.50
N LEU A 144 12.88 13.39 8.65
CA LEU A 144 12.92 14.77 9.10
C LEU A 144 11.76 15.15 10.00
N LEU A 145 10.67 14.39 9.94
CA LEU A 145 9.50 14.66 10.76
C LEU A 145 9.79 14.18 12.18
N THR A 146 10.53 13.08 12.25
CA THR A 146 10.90 12.46 13.52
C THR A 146 12.07 13.15 14.22
N ASN A 147 13.04 13.61 13.46
CA ASN A 147 14.20 14.30 14.03
C ASN A 147 14.52 15.55 13.22
N ALA A 148 14.25 16.71 13.80
CA ALA A 148 14.48 17.99 13.12
C ALA A 148 15.95 18.32 12.92
N GLU A 149 16.80 17.92 13.86
CA GLU A 149 18.24 18.19 13.81
C GLU A 149 18.98 17.34 12.78
N LEU A 150 18.33 16.29 12.30
CA LEU A 150 18.91 15.37 11.36
C LEU A 150 19.59 15.97 10.12
N GLN A 151 20.71 15.38 9.73
CA GLN A 151 21.41 15.78 8.52
C GLN A 151 21.21 14.54 7.66
N ILE A 152 21.32 14.68 6.35
CA ILE A 152 21.06 13.54 5.48
C ILE A 152 22.20 13.10 4.56
N TYR A 153 22.53 11.82 4.60
CA TYR A 153 23.57 11.28 3.71
C TYR A 153 23.04 10.00 3.09
N LYS A 154 23.01 9.96 1.77
CA LYS A 154 22.54 8.80 1.06
C LYS A 154 23.50 8.50 -0.07
N PRO A 155 24.06 7.29 -0.09
CA PRO A 155 25.02 6.85 -1.11
C PRO A 155 24.55 7.14 -2.54
N TRP A 156 23.25 6.99 -2.79
CA TRP A 156 22.71 7.25 -4.14
C TRP A 156 22.53 8.73 -4.47
N LEU A 157 22.97 9.59 -3.56
CA LEU A 157 22.91 11.04 -3.74
C LEU A 157 24.35 11.54 -3.78
N ASP A 158 25.29 10.64 -3.51
CA ASP A 158 26.72 10.94 -3.50
C ASP A 158 27.35 10.47 -4.81
N THR A 159 27.76 11.41 -5.64
CA THR A 159 28.40 11.08 -6.92
C THR A 159 29.65 10.24 -6.72
N ASP A 160 30.28 10.35 -5.55
CA ASP A 160 31.49 9.56 -5.28
C ASP A 160 31.17 8.08 -5.03
N PHE A 161 29.92 7.80 -4.64
CA PHE A 161 29.51 6.43 -4.40
C PHE A 161 29.11 5.78 -5.72
N ILE A 162 28.17 6.42 -6.42
CA ILE A 162 27.66 5.92 -7.69
C ILE A 162 28.73 5.62 -8.74
N ASP A 163 29.77 6.44 -8.77
CA ASP A 163 30.84 6.23 -9.75
C ASP A 163 31.72 5.04 -9.39
N GLU A 164 31.80 4.72 -8.11
CA GLU A 164 32.62 3.62 -7.65
C GLU A 164 31.87 2.30 -7.51
N LEU A 165 30.67 2.33 -6.95
CA LEU A 165 29.88 1.12 -6.76
C LEU A 165 28.51 1.23 -7.41
N GLY A 166 28.42 2.01 -8.48
CA GLY A 166 27.16 2.21 -9.18
C GLY A 166 26.43 0.96 -9.61
N GLY A 167 27.16 0.00 -10.17
CA GLY A 167 26.53 -1.24 -10.62
C GLY A 167 26.52 -2.33 -9.58
N ARG A 168 25.66 -3.32 -9.78
CA ARG A 168 25.55 -4.46 -8.87
C ARG A 168 26.85 -5.26 -8.94
N HIS A 169 27.42 -5.31 -10.14
CA HIS A 169 28.67 -6.02 -10.37
C HIS A 169 29.80 -5.36 -9.61
N GLU A 170 29.82 -4.03 -9.62
CA GLU A 170 30.84 -3.27 -8.92
C GLU A 170 30.70 -3.48 -7.42
N MET A 171 29.47 -3.68 -6.96
CA MET A 171 29.21 -3.89 -5.54
C MET A 171 29.68 -5.29 -5.10
N SER A 172 29.41 -6.31 -5.92
CA SER A 172 29.84 -7.66 -5.61
C SER A 172 31.37 -7.69 -5.57
N GLU A 173 31.98 -7.10 -6.59
CA GLU A 173 33.43 -7.05 -6.69
C GLU A 173 34.04 -6.26 -5.55
N PHE A 174 33.31 -5.29 -5.02
CA PHE A 174 33.82 -4.49 -3.91
C PHE A 174 33.85 -5.34 -2.64
N MET A 175 32.78 -6.10 -2.41
CA MET A 175 32.70 -6.96 -1.24
C MET A 175 33.90 -7.89 -1.30
N ILE A 176 34.04 -8.54 -2.45
CA ILE A 176 35.14 -9.46 -2.71
C ILE A 176 36.49 -8.85 -2.35
N ALA A 177 36.81 -7.70 -2.95
CA ALA A 177 38.07 -7.02 -2.68
C ALA A 177 38.27 -6.65 -1.21
N CYS A 178 37.17 -6.57 -0.45
CA CYS A 178 37.26 -6.23 0.96
C CYS A 178 37.35 -7.46 1.85
N GLY A 179 37.39 -8.64 1.23
CA GLY A 179 37.49 -9.88 1.97
C GLY A 179 36.19 -10.58 2.30
N PHE A 180 35.11 -10.15 1.66
CA PHE A 180 33.82 -10.77 1.92
C PHE A 180 33.20 -11.40 0.69
N ASP A 181 32.83 -12.67 0.85
CA ASP A 181 32.21 -13.45 -0.22
C ASP A 181 30.69 -13.33 -0.10
N TYR A 182 30.11 -12.46 -0.92
CA TYR A 182 28.67 -12.26 -0.91
C TYR A 182 28.00 -13.26 -1.83
N LYS A 183 26.69 -13.43 -1.69
CA LYS A 183 25.95 -14.38 -2.51
C LYS A 183 24.78 -13.74 -3.27
N MET A 184 25.07 -13.17 -4.45
CA MET A 184 24.04 -12.56 -5.28
C MET A 184 24.18 -13.05 -6.71
N SER A 185 24.67 -14.28 -6.87
CA SER A 185 24.84 -14.86 -8.20
C SER A 185 23.53 -14.76 -8.97
N VAL A 186 22.42 -14.81 -8.23
CA VAL A 186 21.08 -14.75 -8.80
C VAL A 186 20.56 -13.32 -8.99
N GLU A 187 20.06 -13.06 -10.20
CA GLU A 187 19.48 -11.77 -10.54
C GLU A 187 18.14 -12.10 -11.20
N LYS A 188 17.06 -11.93 -10.45
CA LYS A 188 15.73 -12.25 -10.94
C LYS A 188 15.31 -11.42 -12.15
N ALA A 189 14.07 -11.61 -12.59
CA ALA A 189 13.53 -10.86 -13.72
C ALA A 189 12.81 -9.61 -13.19
N TYR A 190 12.99 -9.32 -11.90
CA TYR A 190 12.36 -8.16 -11.29
C TYR A 190 12.89 -8.01 -9.87
N SER A 191 12.68 -6.86 -9.25
CA SER A 191 13.12 -6.66 -7.88
C SER A 191 11.88 -6.79 -6.97
N THR A 192 12.10 -7.09 -5.70
CA THR A 192 10.99 -7.30 -4.79
C THR A 192 11.16 -6.60 -3.45
N ASP A 193 10.08 -5.95 -3.02
CA ASP A 193 10.02 -5.25 -1.73
C ASP A 193 8.86 -5.93 -1.02
N SER A 194 9.03 -6.29 0.24
CA SER A 194 7.95 -6.93 0.91
C SER A 194 7.96 -6.72 2.41
N ASN A 195 6.78 -6.89 3.00
CA ASN A 195 6.62 -6.81 4.44
C ASN A 195 5.39 -7.65 4.74
N MET A 196 4.96 -7.64 5.99
CA MET A 196 3.83 -8.44 6.40
C MET A 196 2.50 -8.07 5.76
N LEU A 197 2.40 -6.85 5.22
CA LEU A 197 1.17 -6.42 4.60
C LEU A 197 1.12 -6.79 3.13
N GLY A 198 2.28 -6.93 2.50
CA GLY A 198 2.28 -7.28 1.09
C GLY A 198 3.64 -7.29 0.44
N ALA A 199 3.67 -7.73 -0.80
CA ALA A 199 4.91 -7.81 -1.57
C ALA A 199 4.74 -7.08 -2.90
N THR A 200 5.71 -6.27 -3.28
CA THR A 200 5.65 -5.55 -4.55
C THR A 200 6.76 -6.03 -5.47
N HIS A 201 6.43 -6.20 -6.74
CA HIS A 201 7.39 -6.66 -7.73
C HIS A 201 7.44 -5.65 -8.88
N GLU A 202 8.63 -5.17 -9.21
CA GLU A 202 8.80 -4.24 -10.31
C GLU A 202 10.22 -4.19 -10.86
N ALA A 203 10.42 -3.35 -11.86
CA ALA A 203 11.72 -3.18 -12.50
C ALA A 203 12.09 -4.36 -13.38
N LYS A 204 13.22 -4.22 -14.07
CA LYS A 204 13.72 -5.25 -14.99
C LYS A 204 12.67 -5.65 -16.00
N ASP A 205 12.37 -6.95 -16.10
CA ASP A 205 11.39 -7.40 -17.08
C ASP A 205 9.97 -6.86 -16.87
N LEU A 206 9.65 -6.42 -15.65
CA LEU A 206 8.30 -5.91 -15.38
C LEU A 206 8.14 -4.50 -15.89
N GLU A 207 9.23 -3.92 -16.38
CA GLU A 207 9.20 -2.60 -16.98
C GLU A 207 8.45 -2.69 -18.30
N TYR A 208 8.44 -3.88 -18.90
CA TYR A 208 7.79 -4.08 -20.19
C TYR A 208 6.31 -4.45 -20.08
N LEU A 209 5.45 -3.71 -20.78
CA LEU A 209 4.02 -3.95 -20.68
C LEU A 209 3.58 -5.28 -21.27
N ASN A 210 4.49 -5.99 -21.95
CA ASN A 210 4.13 -7.29 -22.49
C ASN A 210 4.54 -8.40 -21.54
N SER A 211 5.12 -8.03 -20.41
CA SER A 211 5.45 -9.05 -19.40
C SER A 211 4.13 -9.13 -18.63
N SER A 212 3.95 -10.20 -17.86
CA SER A 212 2.72 -10.37 -17.10
C SER A 212 3.04 -11.04 -15.76
N VAL A 213 1.99 -11.25 -14.97
CA VAL A 213 2.11 -11.87 -13.67
C VAL A 213 2.72 -13.28 -13.83
N LYS A 214 2.68 -13.80 -15.06
CA LYS A 214 3.22 -15.14 -15.34
C LYS A 214 4.70 -15.31 -15.03
N ILE A 215 5.48 -14.21 -15.00
CA ILE A 215 6.91 -14.37 -14.71
C ILE A 215 7.19 -14.20 -13.23
N VAL A 216 6.15 -13.93 -12.46
CA VAL A 216 6.34 -13.72 -11.05
C VAL A 216 6.15 -14.97 -10.21
N ASN A 217 7.07 -15.17 -9.27
CA ASN A 217 6.99 -16.28 -8.36
C ASN A 217 6.47 -15.60 -7.10
N PRO A 218 5.16 -15.71 -6.84
CA PRO A 218 4.55 -15.08 -5.66
C PRO A 218 5.12 -15.60 -4.35
N ILE A 219 5.34 -14.69 -3.40
CA ILE A 219 5.88 -15.10 -2.10
C ILE A 219 4.86 -15.04 -0.97
N MET A 220 3.62 -14.70 -1.29
CA MET A 220 2.60 -14.62 -0.24
C MET A 220 1.39 -15.45 -0.65
N GLY A 221 1.53 -16.14 -1.77
CA GLY A 221 0.41 -16.93 -2.23
C GLY A 221 0.84 -17.84 -3.36
N VAL A 222 -0.15 -18.50 -3.96
CA VAL A 222 0.10 -19.44 -5.03
C VAL A 222 -0.06 -18.83 -6.41
N LYS A 223 0.38 -19.59 -7.43
CA LYS A 223 0.27 -19.15 -8.81
C LYS A 223 -1.09 -19.59 -9.30
N PHE A 224 -2.12 -18.84 -8.91
CA PHE A 224 -3.48 -19.16 -9.29
C PHE A 224 -3.75 -19.17 -10.79
N TRP A 225 -2.88 -18.55 -11.57
CA TRP A 225 -3.05 -18.50 -13.03
C TRP A 225 -2.61 -19.81 -13.67
N ASP A 226 -1.93 -20.63 -12.88
CA ASP A 226 -1.40 -21.91 -13.33
C ASP A 226 -2.46 -22.98 -13.06
N GLU A 227 -3.18 -23.35 -14.10
CA GLU A 227 -4.25 -24.34 -13.96
C GLU A 227 -3.80 -25.67 -13.37
N SER A 228 -2.50 -25.91 -13.37
CA SER A 228 -1.96 -27.16 -12.82
C SER A 228 -1.82 -27.10 -11.31
N VAL A 229 -1.98 -25.91 -10.74
CA VAL A 229 -1.89 -25.76 -9.29
C VAL A 229 -3.28 -26.01 -8.70
N LYS A 230 -3.37 -26.98 -7.79
CA LYS A 230 -4.62 -27.32 -7.15
C LYS A 230 -5.00 -26.30 -6.11
N ILE A 231 -6.20 -25.76 -6.23
CA ILE A 231 -6.70 -24.77 -5.28
C ILE A 231 -8.16 -25.07 -5.05
N PRO A 232 -8.47 -25.81 -3.99
CA PRO A 232 -9.87 -26.14 -3.71
C PRO A 232 -10.63 -24.92 -3.19
N ALA A 233 -11.93 -24.87 -3.44
CA ALA A 233 -12.72 -23.75 -2.95
C ALA A 233 -12.67 -23.82 -1.42
N GLU A 234 -12.69 -22.67 -0.77
CA GLU A 234 -12.63 -22.62 0.69
C GLU A 234 -13.63 -21.59 1.23
N GLU A 235 -14.33 -21.98 2.28
CA GLU A 235 -15.28 -21.05 2.90
C GLU A 235 -14.52 -20.36 4.01
N VAL A 236 -14.65 -19.04 4.10
CA VAL A 236 -13.95 -18.28 5.13
C VAL A 236 -14.89 -17.25 5.73
N THR A 237 -14.70 -16.97 7.01
CA THR A 237 -15.52 -15.98 7.68
C THR A 237 -14.56 -14.94 8.23
N VAL A 238 -14.99 -13.68 8.20
CA VAL A 238 -14.19 -12.60 8.72
C VAL A 238 -15.13 -11.82 9.62
N ARG A 239 -14.70 -11.54 10.84
CA ARG A 239 -15.54 -10.83 11.78
C ARG A 239 -14.85 -9.60 12.34
N PHE A 240 -15.59 -8.48 12.35
CA PHE A 240 -15.12 -7.21 12.86
C PHE A 240 -15.90 -6.81 14.10
N GLU A 241 -15.27 -6.08 14.98
CA GLU A 241 -15.92 -5.56 16.18
C GLU A 241 -15.47 -4.10 16.24
N GLN A 242 -16.41 -3.17 16.03
CA GLN A 242 -16.08 -1.75 16.04
C GLN A 242 -14.95 -1.36 15.09
N GLY A 243 -14.95 -1.92 13.88
CA GLY A 243 -13.93 -1.58 12.91
C GLY A 243 -12.65 -2.39 13.01
N HIS A 244 -12.54 -3.16 14.08
CA HIS A 244 -11.34 -3.97 14.28
C HIS A 244 -11.54 -5.44 13.88
N PRO A 245 -10.61 -5.99 13.09
CA PRO A 245 -10.73 -7.40 12.67
C PRO A 245 -10.37 -8.24 13.89
N VAL A 246 -11.32 -9.05 14.35
CA VAL A 246 -11.09 -9.89 15.54
C VAL A 246 -11.19 -11.41 15.37
N ALA A 247 -11.69 -11.89 14.25
CA ALA A 247 -11.76 -13.34 14.08
C ALA A 247 -11.79 -13.76 12.63
N LEU A 248 -11.06 -14.84 12.36
CA LEU A 248 -10.99 -15.39 11.01
C LEU A 248 -11.33 -16.88 11.15
N ASN A 249 -12.40 -17.28 10.46
CA ASN A 249 -12.86 -18.65 10.52
C ASN A 249 -13.14 -19.07 11.96
N GLY A 250 -13.72 -18.16 12.74
CA GLY A 250 -14.06 -18.47 14.12
C GLY A 250 -12.92 -18.36 15.11
N LYS A 251 -11.69 -18.23 14.63
CA LYS A 251 -10.54 -18.12 15.52
C LYS A 251 -10.27 -16.67 15.89
N THR A 252 -9.93 -16.45 17.15
CA THR A 252 -9.59 -15.13 17.63
C THR A 252 -8.07 -15.16 17.78
N PHE A 253 -7.46 -14.05 18.18
CA PHE A 253 -6.01 -14.01 18.29
C PHE A 253 -5.52 -13.21 19.47
N SER A 254 -4.28 -13.47 19.89
CA SER A 254 -3.69 -12.76 21.03
C SER A 254 -3.32 -11.32 20.67
N ASP A 255 -3.00 -11.08 19.40
CA ASP A 255 -2.67 -9.72 18.94
C ASP A 255 -2.92 -9.60 17.45
N ASP A 256 -2.87 -8.37 16.94
CA ASP A 256 -3.15 -8.15 15.54
C ASP A 256 -2.14 -8.74 14.58
N VAL A 257 -0.88 -8.83 15.01
CA VAL A 257 0.14 -9.41 14.15
C VAL A 257 -0.26 -10.84 13.81
N GLU A 258 -0.71 -11.61 14.81
CA GLU A 258 -1.14 -12.98 14.56
C GLU A 258 -2.36 -13.02 13.64
N MET A 259 -3.30 -12.11 13.89
CA MET A 259 -4.49 -12.05 13.04
C MET A 259 -4.07 -11.82 11.58
N MET A 260 -3.21 -10.83 11.34
CA MET A 260 -2.78 -10.53 9.97
C MET A 260 -2.06 -11.71 9.33
N LEU A 261 -1.20 -12.39 10.09
CA LEU A 261 -0.48 -13.56 9.56
C LEU A 261 -1.49 -14.60 9.08
N GLU A 262 -2.58 -14.77 9.83
CA GLU A 262 -3.60 -15.74 9.43
C GLU A 262 -4.38 -15.23 8.20
N ALA A 263 -4.68 -13.93 8.15
CA ALA A 263 -5.42 -13.40 6.99
C ALA A 263 -4.57 -13.70 5.76
N ASN A 264 -3.26 -13.48 5.89
CA ASN A 264 -2.34 -13.76 4.80
C ASN A 264 -2.36 -15.22 4.33
N ARG A 265 -2.39 -16.17 5.28
CA ARG A 265 -2.41 -17.58 4.92
C ARG A 265 -3.68 -17.91 4.17
N ILE A 266 -4.80 -17.44 4.69
CA ILE A 266 -6.09 -17.71 4.07
C ILE A 266 -6.14 -17.18 2.63
N GLY A 267 -5.86 -15.88 2.46
CA GLY A 267 -5.88 -15.31 1.12
C GLY A 267 -4.77 -15.88 0.27
N GLY A 268 -3.64 -16.18 0.92
CA GLY A 268 -2.49 -16.73 0.22
C GLY A 268 -2.75 -18.04 -0.51
N ARG A 269 -3.55 -18.91 0.10
CA ARG A 269 -3.87 -20.20 -0.51
C ARG A 269 -4.63 -20.07 -1.80
N HIS A 270 -5.13 -18.86 -2.08
CA HIS A 270 -5.91 -18.63 -3.29
C HIS A 270 -5.32 -17.61 -4.25
N GLY A 271 -4.38 -16.81 -3.76
CA GLY A 271 -3.76 -15.79 -4.60
C GLY A 271 -4.62 -14.52 -4.58
N LEU A 272 -5.46 -14.40 -3.57
CA LEU A 272 -6.36 -13.26 -3.46
C LEU A 272 -5.62 -11.93 -3.36
N GLY A 273 -6.16 -10.93 -4.04
CA GLY A 273 -5.56 -9.60 -3.97
C GLY A 273 -4.46 -9.22 -4.93
N MET A 274 -3.96 -10.17 -5.72
CA MET A 274 -2.89 -9.84 -6.65
C MET A 274 -3.38 -8.95 -7.76
N SER A 275 -2.58 -7.95 -8.13
CA SER A 275 -2.97 -7.04 -9.20
C SER A 275 -1.76 -6.56 -10.00
N ASP A 276 -2.03 -5.96 -11.15
CA ASP A 276 -1.00 -5.46 -12.05
C ASP A 276 -1.38 -3.99 -12.24
N GLN A 277 -0.52 -3.07 -11.81
CA GLN A 277 -0.84 -1.65 -11.93
C GLN A 277 0.19 -0.81 -12.65
N ILE A 278 -0.31 0.17 -13.40
CA ILE A 278 0.56 1.15 -14.04
C ILE A 278 0.17 2.32 -13.15
N GLU A 279 1.14 3.00 -12.56
CA GLU A 279 0.77 4.09 -11.66
C GLU A 279 1.67 5.30 -11.80
N ASN A 280 1.20 6.43 -11.28
CA ASN A 280 1.98 7.67 -11.32
C ASN A 280 2.83 7.77 -10.06
N ARG A 281 4.13 8.05 -10.21
CA ARG A 281 5.00 8.17 -9.06
C ARG A 281 4.81 9.52 -8.37
N ILE A 282 5.52 9.70 -7.26
CA ILE A 282 5.47 10.93 -6.51
C ILE A 282 6.07 12.02 -7.42
N ILE A 283 7.07 11.64 -8.20
CA ILE A 283 7.74 12.56 -9.11
C ILE A 283 7.22 12.45 -10.55
N GLU A 284 7.86 12.84 -11.40
CA GLU A 284 7.47 12.65 -12.81
C GLU A 284 7.63 11.19 -13.21
N ALA A 285 6.84 10.86 -14.21
CA ALA A 285 6.82 9.53 -14.82
C ALA A 285 5.82 8.59 -14.16
N LYS A 286 5.83 7.40 -14.74
CA LYS A 286 4.99 6.29 -14.31
C LYS A 286 5.84 5.04 -14.07
N SER A 287 5.41 4.28 -13.32
CA SER A 287 5.99 2.96 -13.12
C SER A 287 4.97 1.82 -13.20
N ARG A 288 5.47 0.59 -13.28
CA ARG A 288 4.61 -0.59 -13.40
C ARG A 288 4.99 -1.59 -12.33
N GLY A 289 4.00 -2.12 -11.61
CA GLY A 289 4.28 -3.08 -10.56
C GLY A 289 3.25 -4.19 -10.48
N ILE A 290 3.64 -5.33 -9.91
CA ILE A 290 2.72 -6.43 -9.71
C ILE A 290 2.77 -6.66 -8.21
N TYR A 291 1.58 -6.67 -7.59
CA TYR A 291 1.48 -6.72 -6.15
C TYR A 291 0.73 -7.85 -5.50
N GLU A 292 1.14 -8.15 -4.26
CA GLU A 292 0.51 -9.20 -3.45
C GLU A 292 0.14 -8.55 -2.13
N ALA A 293 -1.00 -8.94 -1.60
CA ALA A 293 -1.50 -8.43 -0.31
C ALA A 293 -2.76 -9.26 -0.01
N PRO A 294 -2.59 -10.59 0.17
CA PRO A 294 -3.68 -11.52 0.45
C PRO A 294 -4.55 -11.22 1.68
N GLY A 295 -3.90 -10.92 2.80
CA GLY A 295 -4.67 -10.62 4.01
C GLY A 295 -5.37 -9.27 3.95
N MET A 296 -4.67 -8.27 3.44
CA MET A 296 -5.24 -6.95 3.29
C MET A 296 -6.46 -7.04 2.39
N ALA A 297 -6.34 -7.79 1.29
CA ALA A 297 -7.44 -7.95 0.34
C ALA A 297 -8.65 -8.61 1.00
N LEU A 298 -8.39 -9.68 1.76
CA LEU A 298 -9.46 -10.42 2.45
C LEU A 298 -10.19 -9.52 3.43
N LEU A 299 -9.43 -8.78 4.23
CA LEU A 299 -10.03 -7.87 5.21
C LEU A 299 -10.78 -6.74 4.49
N HIS A 300 -10.22 -6.25 3.38
CA HIS A 300 -10.84 -5.16 2.62
C HIS A 300 -12.21 -5.52 2.05
N ILE A 301 -12.34 -6.73 1.53
CA ILE A 301 -13.60 -7.18 0.94
C ILE A 301 -14.73 -7.26 1.98
N ALA A 302 -14.40 -7.88 3.11
CA ALA A 302 -15.35 -8.06 4.21
C ALA A 302 -15.74 -6.73 4.81
N TYR A 303 -14.75 -5.87 5.05
CA TYR A 303 -15.01 -4.54 5.61
C TYR A 303 -15.98 -3.77 4.72
N GLU A 304 -15.72 -3.72 3.40
CA GLU A 304 -16.63 -2.98 2.51
C GLU A 304 -18.01 -3.61 2.34
N ARG A 305 -18.08 -4.94 2.40
CA ARG A 305 -19.40 -5.57 2.29
C ARG A 305 -20.19 -5.09 3.51
N LEU A 306 -19.57 -5.13 4.69
CA LEU A 306 -20.28 -4.68 5.90
C LEU A 306 -20.66 -3.19 5.78
N LEU A 307 -19.71 -2.37 5.35
CA LEU A 307 -19.96 -0.95 5.18
C LEU A 307 -21.21 -0.69 4.34
N THR A 308 -21.37 -1.41 3.23
CA THR A 308 -22.52 -1.19 2.36
C THR A 308 -23.85 -1.55 3.03
N GLY A 309 -23.84 -2.41 4.04
CA GLY A 309 -25.10 -2.75 4.67
C GLY A 309 -25.37 -1.92 5.94
N ILE A 310 -24.36 -1.19 6.38
CA ILE A 310 -24.47 -0.41 7.61
C ILE A 310 -24.61 1.12 7.48
N HIS A 311 -23.87 1.72 6.56
CA HIS A 311 -23.89 3.18 6.43
C HIS A 311 -24.74 3.74 5.28
N ASN A 312 -25.11 5.03 5.34
CA ASN A 312 -25.94 5.59 4.28
C ASN A 312 -25.13 6.03 3.05
N GLU A 313 -25.82 6.39 1.98
CA GLU A 313 -25.15 6.74 0.72
C GLU A 313 -24.09 7.82 0.83
N ASP A 314 -24.42 8.93 1.48
CA ASP A 314 -23.46 10.02 1.61
C ASP A 314 -22.22 9.60 2.40
N THR A 315 -22.42 8.77 3.42
CA THR A 315 -21.30 8.34 4.24
C THR A 315 -20.41 7.38 3.44
N ILE A 316 -21.03 6.47 2.71
CA ILE A 316 -20.29 5.56 1.86
C ILE A 316 -19.50 6.35 0.80
N GLU A 317 -20.12 7.37 0.22
CA GLU A 317 -19.44 8.20 -0.80
C GLU A 317 -18.23 8.93 -0.19
N GLN A 318 -18.35 9.40 1.05
CA GLN A 318 -17.23 10.08 1.69
C GLN A 318 -16.10 9.08 1.93
N TYR A 319 -16.47 7.86 2.29
CA TYR A 319 -15.48 6.81 2.53
C TYR A 319 -14.70 6.61 1.22
N HIS A 320 -15.39 6.46 0.10
CA HIS A 320 -14.69 6.31 -1.18
C HIS A 320 -13.83 7.52 -1.56
N ALA A 321 -14.41 8.71 -1.54
CA ALA A 321 -13.66 9.92 -1.91
C ALA A 321 -12.52 10.26 -0.94
N HIS A 322 -12.81 10.24 0.36
CA HIS A 322 -11.77 10.53 1.35
C HIS A 322 -10.72 9.43 1.37
N GLY A 323 -11.16 8.18 1.19
CA GLY A 323 -10.22 7.06 1.17
C GLY A 323 -9.27 7.18 0.00
N ARG A 324 -9.79 7.49 -1.19
CA ARG A 324 -8.91 7.66 -2.35
C ARG A 324 -7.89 8.79 -2.15
N GLN A 325 -8.34 9.92 -1.60
CA GLN A 325 -7.44 11.05 -1.35
C GLN A 325 -6.37 10.65 -0.33
N LEU A 326 -6.80 9.97 0.73
CA LEU A 326 -5.89 9.53 1.77
C LEU A 326 -4.88 8.54 1.18
N GLY A 327 -5.37 7.67 0.29
CA GLY A 327 -4.50 6.70 -0.35
C GLY A 327 -3.37 7.40 -1.10
N ARG A 328 -3.70 8.52 -1.73
CA ARG A 328 -2.69 9.25 -2.48
C ARG A 328 -1.68 9.89 -1.54
N LEU A 329 -2.15 10.45 -0.44
CA LEU A 329 -1.25 11.07 0.52
C LEU A 329 -0.35 9.99 1.13
N LEU A 330 -0.90 8.83 1.45
CA LEU A 330 -0.11 7.74 2.02
C LEU A 330 1.01 7.39 0.99
N TYR A 331 0.63 7.18 -0.26
CA TYR A 331 1.58 6.87 -1.33
C TYR A 331 2.70 7.92 -1.44
N GLN A 332 2.36 9.20 -1.22
CA GLN A 332 3.35 10.28 -1.33
C GLN A 332 4.23 10.45 -0.11
N GLY A 333 4.10 9.56 0.88
CA GLY A 333 4.92 9.73 2.06
C GLY A 333 4.35 10.82 2.98
N ARG A 334 3.04 11.05 2.90
CA ARG A 334 2.41 12.09 3.71
C ARG A 334 1.36 11.57 4.69
N TRP A 335 1.49 10.30 5.08
CA TRP A 335 0.55 9.64 5.98
C TRP A 335 0.30 10.36 7.33
N PHE A 336 1.26 11.16 7.80
CA PHE A 336 1.11 11.90 9.06
C PHE A 336 0.95 13.41 8.86
N ASP A 337 0.74 13.87 7.63
CA ASP A 337 0.55 15.29 7.40
C ASP A 337 -0.87 15.64 7.91
N SER A 338 -1.12 16.90 8.24
CA SER A 338 -2.44 17.27 8.78
C SER A 338 -3.64 16.90 7.91
N GLN A 339 -3.50 17.03 6.60
CA GLN A 339 -4.61 16.73 5.73
C GLN A 339 -4.90 15.23 5.76
N ALA A 340 -3.87 14.41 5.94
CA ALA A 340 -4.06 12.96 6.00
C ALA A 340 -4.71 12.58 7.33
N LEU A 341 -4.14 13.07 8.44
CA LEU A 341 -4.67 12.76 9.77
C LEU A 341 -6.16 13.10 9.86
N MET A 342 -6.52 14.27 9.34
CA MET A 342 -7.92 14.70 9.36
C MET A 342 -8.84 13.68 8.67
N LEU A 343 -8.45 13.22 7.48
CA LEU A 343 -9.29 12.23 6.77
C LEU A 343 -9.28 10.86 7.48
N ARG A 344 -8.10 10.42 7.91
CA ARG A 344 -7.96 9.13 8.59
C ARG A 344 -8.78 9.10 9.89
N ASP A 345 -8.55 10.08 10.75
CA ASP A 345 -9.26 10.17 12.00
C ASP A 345 -10.78 10.23 11.80
N SER A 346 -11.22 11.04 10.84
CA SER A 346 -12.66 11.18 10.63
C SER A 346 -13.31 9.88 10.17
N LEU A 347 -12.61 9.11 9.35
CA LEU A 347 -13.15 7.83 8.87
C LEU A 347 -13.10 6.77 9.97
N GLN A 348 -12.04 6.76 10.76
CA GLN A 348 -11.93 5.79 11.86
C GLN A 348 -13.07 6.00 12.86
N ARG A 349 -13.26 7.26 13.28
CA ARG A 349 -14.30 7.60 14.25
C ARG A 349 -15.75 7.41 13.80
N TRP A 350 -16.10 7.93 12.63
CA TRP A 350 -17.51 7.86 12.19
C TRP A 350 -17.91 6.73 11.26
N VAL A 351 -16.94 6.13 10.58
CA VAL A 351 -17.29 5.01 9.72
C VAL A 351 -16.91 3.67 10.34
N ALA A 352 -15.62 3.50 10.61
CA ALA A 352 -15.12 2.23 11.16
C ALA A 352 -15.71 1.82 12.50
N SER A 353 -15.97 2.79 13.36
CA SER A 353 -16.54 2.50 14.68
C SER A 353 -17.85 1.69 14.64
N GLN A 354 -18.59 1.78 13.53
CA GLN A 354 -19.86 1.07 13.42
C GLN A 354 -19.75 -0.22 12.64
N ILE A 355 -18.57 -0.48 12.10
CA ILE A 355 -18.38 -1.69 11.32
C ILE A 355 -18.18 -2.89 12.25
N THR A 356 -19.30 -3.49 12.65
CA THR A 356 -19.33 -4.66 13.52
C THR A 356 -20.16 -5.73 12.82
N GLY A 357 -19.62 -6.94 12.67
CA GLY A 357 -20.38 -7.96 11.98
C GLY A 357 -19.48 -9.00 11.38
N GLU A 358 -20.06 -9.91 10.60
CA GLU A 358 -19.27 -10.98 10.03
C GLU A 358 -19.67 -11.25 8.59
N VAL A 359 -18.69 -11.54 7.76
CA VAL A 359 -18.95 -11.83 6.36
C VAL A 359 -18.36 -13.18 6.01
N THR A 360 -19.13 -13.95 5.26
CA THR A 360 -18.70 -15.27 4.85
C THR A 360 -18.49 -15.24 3.36
N LEU A 361 -17.33 -15.72 2.93
CA LEU A 361 -16.98 -15.75 1.52
C LEU A 361 -16.58 -17.15 1.12
N GLU A 362 -16.62 -17.40 -0.17
CA GLU A 362 -16.17 -18.66 -0.73
C GLU A 362 -15.04 -18.23 -1.69
N LEU A 363 -13.81 -18.58 -1.34
CA LEU A 363 -12.65 -18.23 -2.17
C LEU A 363 -12.28 -19.33 -3.15
N ARG A 364 -12.09 -18.96 -4.41
CA ARG A 364 -11.68 -19.94 -5.40
C ARG A 364 -10.27 -19.55 -5.88
N ARG A 365 -10.10 -19.15 -7.14
CA ARG A 365 -8.78 -18.77 -7.61
C ARG A 365 -8.64 -17.24 -7.81
N GLY A 366 -7.50 -16.70 -7.40
CA GLY A 366 -7.25 -15.27 -7.56
C GLY A 366 -8.32 -14.38 -6.95
N ASN A 367 -8.87 -13.50 -7.76
CA ASN A 367 -9.90 -12.60 -7.28
C ASN A 367 -11.30 -13.12 -7.55
N ASP A 368 -11.41 -14.43 -7.79
CA ASP A 368 -12.71 -15.06 -8.00
C ASP A 368 -13.18 -15.61 -6.65
N TYR A 369 -14.22 -15.00 -6.12
CA TYR A 369 -14.79 -15.41 -4.85
C TYR A 369 -16.26 -15.04 -4.90
N SER A 370 -17.03 -15.56 -3.95
CA SER A 370 -18.45 -15.24 -3.87
C SER A 370 -18.76 -14.89 -2.43
N ILE A 371 -19.75 -14.02 -2.22
CA ILE A 371 -20.17 -13.65 -0.88
C ILE A 371 -21.29 -14.61 -0.49
N LEU A 372 -21.18 -15.25 0.67
CA LEU A 372 -22.22 -16.22 1.08
C LEU A 372 -23.12 -15.76 2.23
N ASN A 373 -22.72 -14.75 2.97
CA ASN A 373 -23.56 -14.30 4.07
C ASN A 373 -22.99 -13.01 4.62
N THR A 374 -23.86 -12.15 5.11
CA THR A 374 -23.45 -10.88 5.67
C THR A 374 -24.33 -10.68 6.89
N VAL A 375 -23.71 -10.51 8.04
CA VAL A 375 -24.45 -10.38 9.27
C VAL A 375 -23.94 -9.24 10.13
N SER A 376 -24.87 -8.52 10.77
CA SER A 376 -24.50 -7.41 11.64
C SER A 376 -25.64 -6.80 12.42
N GLU A 377 -25.39 -6.58 13.71
CA GLU A 377 -26.35 -5.97 14.61
C GLU A 377 -26.64 -4.55 14.13
N ASN A 378 -25.65 -3.95 13.43
CA ASN A 378 -25.77 -2.57 12.93
C ASN A 378 -26.29 -2.39 11.50
N LEU A 379 -26.70 -3.47 10.84
CA LEU A 379 -27.21 -3.32 9.48
C LEU A 379 -28.39 -2.37 9.49
N THR A 380 -28.52 -1.57 8.43
CA THR A 380 -29.70 -0.72 8.32
C THR A 380 -30.50 -1.42 7.23
N TYR A 381 -29.86 -2.38 6.56
CA TYR A 381 -30.54 -3.14 5.53
C TYR A 381 -31.43 -4.16 6.25
N LYS A 382 -32.65 -4.31 5.78
CA LYS A 382 -33.58 -5.27 6.37
C LYS A 382 -34.36 -5.91 5.23
N PRO A 383 -34.51 -7.23 5.25
CA PRO A 383 -35.26 -7.85 4.16
C PRO A 383 -36.72 -7.40 4.22
N GLU A 384 -37.31 -7.22 3.05
CA GLU A 384 -38.71 -6.80 2.96
C GLU A 384 -38.99 -5.61 3.87
N ARG A 385 -38.09 -4.63 3.89
CA ARG A 385 -38.29 -3.48 4.75
C ARG A 385 -39.46 -2.62 4.25
N SER A 393 -46.37 -0.54 3.10
CA SER A 393 -46.21 -0.83 4.52
C SER A 393 -45.64 0.40 5.24
N VAL A 394 -44.40 0.75 4.92
CA VAL A 394 -43.75 1.91 5.53
C VAL A 394 -44.34 3.19 4.94
N PHE A 395 -44.78 3.10 3.69
CA PHE A 395 -45.40 4.24 3.01
C PHE A 395 -46.40 3.70 2.00
N SER A 396 -47.33 4.53 1.62
CA SER A 396 -48.40 4.13 0.70
C SER A 396 -48.23 4.66 -0.72
N PRO A 397 -49.06 4.15 -1.64
CA PRO A 397 -48.97 4.62 -3.02
C PRO A 397 -49.33 6.11 -3.07
N ASP A 398 -50.23 6.53 -2.18
CA ASP A 398 -50.62 7.94 -2.14
C ASP A 398 -49.43 8.78 -1.69
N ASP A 399 -48.63 8.24 -0.77
CA ASP A 399 -47.44 8.94 -0.31
C ASP A 399 -46.47 9.09 -1.49
N ARG A 400 -46.35 8.03 -2.30
CA ARG A 400 -45.46 8.06 -3.46
C ARG A 400 -45.98 9.06 -4.50
N ILE A 401 -47.29 9.19 -4.62
CA ILE A 401 -47.86 10.16 -5.56
C ILE A 401 -47.39 11.55 -5.11
N GLY A 402 -47.41 11.79 -3.81
CA GLY A 402 -46.97 13.10 -3.31
C GLY A 402 -45.51 13.35 -3.63
N GLN A 403 -44.66 12.39 -3.27
CA GLN A 403 -43.23 12.49 -3.50
C GLN A 403 -42.92 12.76 -4.97
N LEU A 404 -43.51 11.97 -5.86
CA LEU A 404 -43.27 12.14 -7.29
C LEU A 404 -43.70 13.51 -7.75
N THR A 405 -44.89 13.93 -7.34
CA THR A 405 -45.42 15.21 -7.74
C THR A 405 -44.47 16.36 -7.37
N MET A 406 -43.77 16.22 -6.27
CA MET A 406 -42.87 17.30 -5.84
C MET A 406 -41.55 17.36 -6.58
N ARG A 407 -41.46 16.61 -7.66
CA ARG A 407 -40.27 16.60 -8.50
C ARG A 407 -40.55 17.43 -9.75
N ASN A 408 -41.83 17.70 -10.01
CA ASN A 408 -42.27 18.43 -11.18
C ASN A 408 -41.53 19.70 -11.56
N LEU A 409 -41.28 20.58 -10.60
CA LEU A 409 -40.60 21.83 -10.90
C LEU A 409 -39.13 21.61 -11.27
N ASP A 410 -38.50 20.61 -10.66
CA ASP A 410 -37.12 20.29 -10.97
C ASP A 410 -37.05 19.68 -12.37
N ILE A 411 -38.04 18.84 -12.71
CA ILE A 411 -38.07 18.24 -14.03
C ILE A 411 -38.26 19.36 -15.07
N THR A 412 -39.18 20.26 -14.78
CA THR A 412 -39.47 21.40 -15.63
C THR A 412 -38.19 22.21 -15.87
N ASP A 413 -37.45 22.50 -14.80
CA ASP A 413 -36.22 23.26 -14.94
C ASP A 413 -35.19 22.52 -15.81
N THR A 414 -35.03 21.22 -15.58
CA THR A 414 -34.11 20.45 -16.38
C THR A 414 -34.57 20.44 -17.85
N ARG A 415 -35.87 20.28 -18.08
CA ARG A 415 -36.36 20.27 -19.45
C ARG A 415 -35.96 21.60 -20.10
N GLU A 416 -36.11 22.69 -19.36
CA GLU A 416 -35.74 24.02 -19.83
C GLU A 416 -34.24 24.08 -20.20
N LYS A 417 -33.38 23.50 -19.38
CA LYS A 417 -31.94 23.49 -19.68
C LYS A 417 -31.64 22.71 -20.99
N LEU A 418 -32.31 21.58 -21.18
CA LEU A 418 -32.15 20.77 -22.39
C LEU A 418 -32.46 21.64 -23.61
N PHE A 419 -33.56 22.39 -23.56
CA PHE A 419 -33.96 23.30 -24.64
C PHE A 419 -32.84 24.32 -24.85
N GLY A 420 -32.34 24.92 -23.77
CA GLY A 420 -31.25 25.88 -23.87
C GLY A 420 -29.94 25.30 -24.43
N TYR A 421 -29.61 24.07 -24.05
CA TYR A 421 -28.39 23.43 -24.56
C TYR A 421 -28.58 23.09 -26.04
N ALA A 422 -29.81 22.76 -26.42
CA ALA A 422 -30.08 22.42 -27.80
C ALA A 422 -29.89 23.70 -28.60
N LYS A 423 -30.43 24.79 -28.10
CA LYS A 423 -30.32 26.08 -28.78
C LYS A 423 -28.88 26.53 -28.94
N THR A 424 -28.06 26.37 -27.91
CA THR A 424 -26.66 26.79 -27.99
C THR A 424 -25.76 25.72 -28.64
N GLY A 425 -26.36 24.69 -29.20
CA GLY A 425 -25.60 23.64 -29.88
C GLY A 425 -24.92 22.52 -29.10
N LEU A 426 -25.15 22.44 -27.80
CA LEU A 426 -24.52 21.38 -27.00
C LEU A 426 -25.21 20.02 -27.14
N LEU A 427 -26.50 20.06 -27.48
CA LEU A 427 -27.30 18.85 -27.69
C LEU A 427 -27.86 18.99 -29.11
N SER A 428 -27.83 17.91 -29.89
CA SER A 428 -28.36 17.97 -31.25
C SER A 428 -29.86 18.17 -31.18
N SER A 429 -30.47 17.36 -30.32
CA SER A 429 -31.90 17.41 -30.12
C SER A 429 -32.13 17.24 -28.63
N SER A 430 -33.10 18.00 -28.11
CA SER A 430 -33.45 17.94 -26.70
C SER A 430 -34.06 16.58 -26.37
N ALA A 431 -34.94 16.54 -25.37
CA ALA A 431 -35.59 15.32 -24.97
C ALA A 431 -36.90 15.07 -25.72
N ALA A 432 -37.43 16.13 -26.32
CA ALA A 432 -38.69 16.07 -27.06
C ALA A 432 -38.77 14.96 -28.12
N SER A 433 -37.65 14.69 -28.80
CA SER A 433 -37.61 13.69 -29.86
C SER A 433 -37.01 12.34 -29.45
N GLY A 434 -36.88 12.13 -28.14
CA GLY A 434 -36.30 10.89 -27.68
C GLY A 434 -35.09 11.12 -26.80
N VAL A 435 -34.01 10.41 -27.10
CA VAL A 435 -32.78 10.51 -26.33
C VAL A 435 -31.97 11.75 -26.67
N PRO A 436 -31.78 12.66 -25.69
CA PRO A 436 -31.00 13.89 -25.91
C PRO A 436 -29.62 13.47 -26.40
N GLN A 437 -29.11 14.13 -27.42
CA GLN A 437 -27.81 13.77 -27.96
C GLN A 437 -26.73 14.79 -27.67
N VAL A 438 -25.74 14.40 -26.89
CA VAL A 438 -24.66 15.31 -26.53
C VAL A 438 -23.76 15.49 -27.74
N GLU A 439 -23.47 16.74 -28.07
CA GLU A 439 -22.63 17.05 -29.21
C GLU A 439 -21.12 17.04 -28.98
N ASN A 440 -20.51 15.85 -29.05
CA ASN A 440 -19.07 15.74 -28.94
C ASN A 440 -18.60 14.56 -29.79
N LEU A 441 -17.29 14.46 -30.01
CA LEU A 441 -16.70 13.42 -30.85
C LEU A 441 -17.10 11.99 -30.52
N GLU A 442 -17.35 11.71 -29.24
CA GLU A 442 -17.72 10.36 -28.83
C GLU A 442 -19.11 9.94 -29.24
N ASN A 443 -19.93 10.88 -29.70
CA ASN A 443 -21.27 10.51 -30.12
C ASN A 443 -21.19 10.02 -31.57
N LYS A 444 -20.76 8.78 -31.70
CA LYS A 444 -20.63 8.14 -33.00
C LYS A 444 -20.49 6.65 -32.77
N GLY A 445 -20.81 5.85 -33.79
CA GLY A 445 -20.72 4.41 -33.66
C GLY A 445 -19.33 3.93 -34.00
N GLN A 446 -19.22 2.77 -34.62
CA GLN A 446 -17.90 2.23 -34.99
C GLN A 446 -17.53 2.68 -36.40
P PO4 B . -5.26 -22.14 8.52
O1 PO4 B . -3.86 -21.77 8.13
O2 PO4 B . -5.36 -22.16 10.01
O3 PO4 B . -6.20 -21.13 7.98
O4 PO4 B . -5.58 -23.48 7.98
PG ATP C . 19.37 -3.62 -0.69
O1G ATP C . 19.98 -4.22 -1.91
O2G ATP C . 18.10 -4.27 -0.24
O3G ATP C . 20.33 -3.29 0.40
PB ATP C . 17.65 -1.76 -2.20
O1B ATP C . 17.44 -2.88 -3.18
O2B ATP C . 17.93 -0.38 -2.73
O3B ATP C . 18.88 -2.17 -1.19
PA ATP C . 14.89 -1.76 -1.24
O1A ATP C . 14.39 -1.21 -2.54
O2A ATP C . 14.42 -3.10 -0.80
O3A ATP C . 16.48 -1.73 -1.19
O5' ATP C . 14.58 -0.73 -0.09
C5' ATP C . 15.05 0.63 -0.13
C4' ATP C . 15.87 0.94 1.10
O4' ATP C . 14.99 0.82 2.22
C3' ATP C . 17.01 -0.02 1.39
O3' ATP C . 18.15 0.42 0.65
C2' ATP C . 17.16 0.18 2.87
O2' ATP C . 17.91 1.33 3.23
C1' ATP C . 15.71 0.40 3.39
N9 ATP C . 15.10 -0.84 3.97
C8 ATP C . 14.36 -1.83 3.35
N7 ATP C . 13.97 -2.80 4.15
C5 ATP C . 14.49 -2.42 5.38
C6 ATP C . 14.46 -3.00 6.68
N6 ATP C . 13.83 -4.15 6.90
N1 ATP C . 15.09 -2.38 7.71
C2 ATP C . 15.73 -1.21 7.48
N3 ATP C . 15.85 -0.55 6.31
C4 ATP C . 15.19 -1.22 5.28
C CIR D . 5.24 1.86 -4.35
O CIR D . 5.94 2.84 -4.64
OXT CIR D . 4.60 1.75 -3.30
CA CIR D . 5.16 0.71 -5.33
N CIR D . 5.35 1.26 -6.70
C3 CIR D . 6.25 -0.31 -5.00
C4 CIR D . 7.56 0.32 -4.53
C5 CIR D . 8.51 -0.72 -3.96
N6 CIR D . 8.61 -1.90 -4.82
C7 CIR D . 9.74 -2.32 -5.40
O7 CIR D . 9.79 -3.44 -5.95
N8 CIR D . 10.79 -1.49 -5.36
C CIR E . 8.89 3.20 -7.99
O CIR E . 7.66 3.01 -8.22
OXT CIR E . 9.67 3.80 -8.77
CA CIR E . 9.48 2.66 -6.69
N CIR E . 10.42 1.53 -6.92
C3 CIR E . 10.19 3.81 -5.96
C4 CIR E . 10.86 3.41 -4.66
C5 CIR E . 12.34 3.72 -4.69
N6 CIR E . 13.14 2.53 -4.94
C7 CIR E . 13.92 1.95 -4.03
O7 CIR E . 13.48 1.65 -2.91
N8 CIR E . 15.18 1.73 -4.36
C GAI F . 9.17 -9.61 -22.47
N1 GAI F . 8.30 -9.13 -21.58
N2 GAI F . 9.39 -8.95 -23.61
N3 GAI F . 9.84 -10.75 -22.20
C GAI G . -49.69 7.40 5.13
N1 GAI G . -50.83 6.73 5.25
N2 GAI G . -49.71 8.72 4.95
N3 GAI G . -48.53 6.76 5.21
#